data_7NCX
#
_entry.id   7NCX
#
_cell.length_a   38.887
_cell.length_b   87.315
_cell.length_c   107.917
_cell.angle_alpha   90.000
_cell.angle_beta   90.000
_cell.angle_gamma   90.000
#
_symmetry.space_group_name_H-M   'P 21 21 21'
#
loop_
_entity.id
_entity.type
_entity.pdbx_description
1 polymer 'GH30 family xylanase'
2 branched alpha-D-mannopyranose-(1-3)-alpha-D-mannopyranose-(1-6)-[alpha-D-mannopyranose-(1-3)]beta-D-mannopyranose-(1-4)-2-acetamido-2-deoxy-beta-D-glucopyranose-(1-4)-2-acetamido-2-deoxy-beta-D-glucopyranose
3 non-polymer GLYCEROL
4 non-polymer DI(HYDROXYETHYL)ETHER
5 non-polymer 1,2-ETHANEDIOL
6 non-polymer 2-acetamido-2-deoxy-beta-D-glucopyranose
7 water water
#
_entity_poly.entity_id   1
_entity_poly.type   'polypeptide(L)'
_entity_poly.pdbx_seq_one_letter_code
;SMLQQRQAGTTLTVDLSTTYQRIDGFGTSEAFQRAVQMSRLPEEGQRRALDVLFSTTNGAGLSILRNGIGSSPDMSSDHM
VSIAPKSPGSPNNPLIYSWDGSDNKQLWVSQEAVHTYGVKTIYADAWSAPGYMKTNGNDANGGTLCGLSGAQCASGDWRQ
AYADYLTKYVEFYQESNVTVTHLGFINAPELTTSYASMRFSASQAAEFIRILYPTIQKSNLTYKPTIACCDAEGWNSQAG
MLGALSSVNSMFGLVTAHAYTSQPGFSMNTPHPVWMTAAADLQGAWTSAWYSYGGAGEGWTWANNVYNAIVNGNASAYLY
WIGAQTGNTNSHMVHIDANAGTVEPSKRLWALGQWSRFVRPGARRVAVSGASGSLRTAAFRNEDGSVAVVVINSGGDAAV
NVRLASSSSADQQPASAKAWATDNSRAIEEIQASFADGVATVNVPSRSMTTVVLYPAADALEQKLISEEDLNSAVDHHHH
HH
;
_entity_poly.pdbx_strand_id   AAA
#
# COMPACT_ATOMS: atom_id res chain seq x y z
N GLN A 7 -6.89 8.06 -38.59
CA GLN A 7 -6.20 6.80 -39.05
C GLN A 7 -4.67 6.96 -39.05
N ALA A 8 -4.15 8.17 -38.85
CA ALA A 8 -2.74 8.36 -38.43
C ALA A 8 -2.65 8.05 -36.94
N GLY A 9 -2.73 6.77 -36.58
CA GLY A 9 -2.75 6.29 -35.19
C GLY A 9 -4.14 6.39 -34.56
N THR A 10 -4.26 5.75 -33.41
CA THR A 10 -5.45 5.77 -32.53
C THR A 10 -5.35 6.99 -31.63
N THR A 11 -6.38 7.84 -31.58
CA THR A 11 -6.34 9.05 -30.76
C THR A 11 -7.05 8.80 -29.42
N LEU A 12 -6.35 9.05 -28.31
CA LEU A 12 -6.89 9.02 -26.93
C LEU A 12 -7.13 10.46 -26.50
N THR A 13 -8.36 10.76 -26.14
CA THR A 13 -8.79 12.13 -25.76
C THR A 13 -9.17 12.16 -24.28
N VAL A 14 -8.50 12.99 -23.51
CA VAL A 14 -8.76 13.16 -22.07
C VAL A 14 -9.85 14.21 -21.88
N ASP A 15 -10.89 13.87 -21.12
CA ASP A 15 -11.99 14.79 -20.76
C ASP A 15 -11.77 15.16 -19.30
N LEU A 16 -11.07 16.27 -19.06
CA LEU A 16 -10.77 16.75 -17.68
C LEU A 16 -12.06 17.07 -16.92
N SER A 17 -13.17 17.33 -17.62
N SER A 17 -13.15 17.37 -17.63
CA SER A 17 -14.44 17.75 -16.99
CA SER A 17 -14.44 17.75 -17.00
C SER A 17 -15.21 16.57 -16.37
C SER A 17 -15.02 16.59 -16.18
N THR A 18 -14.73 15.34 -16.57
CA THR A 18 -15.36 14.14 -15.98
C THR A 18 -14.33 13.55 -15.02
N THR A 19 -14.56 13.73 -13.74
CA THR A 19 -13.62 13.33 -12.67
C THR A 19 -14.18 12.15 -11.89
N TYR A 20 -13.26 11.40 -11.34
CA TYR A 20 -13.52 10.24 -10.47
C TYR A 20 -12.81 10.43 -9.14
N GLN A 21 -12.13 9.41 -8.62
CA GLN A 21 -11.54 9.47 -7.27
C GLN A 21 -10.15 10.12 -7.29
N ARG A 22 -9.74 10.56 -6.13
CA ARG A 22 -8.36 11.02 -5.88
C ARG A 22 -7.44 9.80 -5.74
N ILE A 23 -6.19 9.97 -6.15
CA ILE A 23 -5.15 8.94 -5.95
C ILE A 23 -4.24 9.42 -4.83
N ASP A 24 -4.21 8.67 -3.73
CA ASP A 24 -3.31 8.96 -2.60
C ASP A 24 -1.92 8.38 -2.84
N GLY A 25 -1.79 7.36 -3.65
CA GLY A 25 -0.47 6.82 -3.99
C GLY A 25 -0.40 5.32 -4.10
N PHE A 26 0.83 4.84 -4.05
CA PHE A 26 1.17 3.43 -4.32
C PHE A 26 2.29 3.05 -3.35
N GLY A 27 2.31 1.82 -2.91
CA GLY A 27 3.33 1.48 -1.92
C GLY A 27 3.40 0.02 -1.56
N THR A 28 3.99 -0.23 -0.40
CA THR A 28 4.24 -1.62 0.05
C THR A 28 4.59 -1.57 1.53
N SER A 29 5.00 -2.71 2.05
CA SER A 29 5.39 -2.89 3.46
C SER A 29 6.75 -3.61 3.56
N GLU A 30 7.35 -3.47 4.73
CA GLU A 30 8.55 -4.28 5.13
C GLU A 30 8.30 -4.88 6.51
N ALA A 31 7.04 -5.20 6.81
CA ALA A 31 6.64 -5.85 8.07
C ALA A 31 7.25 -7.25 8.20
N PHE A 32 7.08 -7.84 9.37
CA PHE A 32 7.47 -9.22 9.68
C PHE A 32 8.97 -9.43 9.36
N GLN A 33 9.76 -8.46 9.75
CA GLN A 33 11.24 -8.52 9.70
C GLN A 33 11.75 -8.43 8.26
N ARG A 34 10.92 -8.14 7.27
CA ARG A 34 11.51 -7.93 5.92
C ARG A 34 12.43 -6.71 5.98
N ALA A 35 12.10 -5.70 6.78
CA ALA A 35 12.99 -4.53 6.97
C ALA A 35 14.33 -5.01 7.53
N VAL A 36 14.31 -5.99 8.42
CA VAL A 36 15.55 -6.50 9.04
C VAL A 36 16.41 -7.13 7.93
N GLN A 37 15.79 -7.89 7.04
CA GLN A 37 16.49 -8.49 5.87
C GLN A 37 17.17 -7.39 5.07
N MET A 38 16.48 -6.30 4.80
CA MET A 38 17.08 -5.15 4.05
C MET A 38 18.25 -4.57 4.85
N SER A 39 18.10 -4.45 6.17
CA SER A 39 19.13 -3.81 7.04
C SER A 39 20.42 -4.63 7.07
N ARG A 40 20.33 -5.94 6.80
N ARG A 40 20.39 -5.93 6.76
CA ARG A 40 21.49 -6.88 6.83
CA ARG A 40 21.60 -6.78 6.87
C ARG A 40 22.39 -6.68 5.60
C ARG A 40 22.34 -6.84 5.52
N LEU A 41 21.86 -6.14 4.50
CA LEU A 41 22.62 -5.98 3.22
C LEU A 41 23.84 -5.12 3.45
N PRO A 42 24.88 -5.24 2.60
CA PRO A 42 25.94 -4.25 2.52
C PRO A 42 25.35 -2.87 2.20
N GLU A 43 26.11 -1.82 2.48
CA GLU A 43 25.58 -0.45 2.28
C GLU A 43 25.09 -0.26 0.84
N GLU A 44 25.76 -0.81 -0.17
CA GLU A 44 25.38 -0.58 -1.59
C GLU A 44 24.02 -1.23 -1.85
N GLY A 45 23.81 -2.42 -1.33
CA GLY A 45 22.54 -3.15 -1.43
C GLY A 45 21.45 -2.42 -0.67
N GLN A 46 21.72 -1.92 0.53
CA GLN A 46 20.70 -1.15 1.29
C GLN A 46 20.24 0.02 0.44
N ARG A 47 21.18 0.78 -0.11
CA ARG A 47 20.83 2.01 -0.85
C ARG A 47 20.08 1.63 -2.13
N ARG A 48 20.48 0.53 -2.78
CA ARG A 48 19.82 0.09 -4.03
C ARG A 48 18.38 -0.32 -3.70
N ALA A 49 18.17 -1.07 -2.63
CA ALA A 49 16.80 -1.50 -2.25
C ALA A 49 15.95 -0.26 -1.96
N LEU A 50 16.47 0.68 -1.21
CA LEU A 50 15.69 1.90 -0.90
C LEU A 50 15.45 2.73 -2.17
N ASP A 51 16.44 2.86 -3.03
CA ASP A 51 16.29 3.61 -4.30
C ASP A 51 15.22 2.94 -5.16
N VAL A 52 15.30 1.64 -5.36
CA VAL A 52 14.34 1.01 -6.31
C VAL A 52 12.92 1.13 -5.74
N LEU A 53 12.74 1.14 -4.42
CA LEU A 53 11.38 1.32 -3.84
C LEU A 53 10.93 2.76 -3.96
N PHE A 54 11.75 3.73 -3.54
CA PHE A 54 11.23 5.09 -3.24
C PHE A 54 11.74 6.16 -4.19
N SER A 55 12.80 5.95 -4.96
CA SER A 55 13.37 7.05 -5.77
C SER A 55 12.39 7.44 -6.87
N THR A 56 12.17 8.75 -7.04
CA THR A 56 11.41 9.32 -8.16
C THR A 56 12.31 9.56 -9.36
N THR A 57 13.61 9.23 -9.29
CA THR A 57 14.54 9.40 -10.43
C THR A 57 14.96 8.04 -10.97
N ASN A 58 15.26 7.06 -10.10
CA ASN A 58 15.90 5.77 -10.50
C ASN A 58 15.16 4.58 -9.89
N GLY A 59 13.91 4.77 -9.48
CA GLY A 59 13.14 3.69 -8.88
C GLY A 59 11.66 3.77 -9.17
N ALA A 60 10.87 3.11 -8.32
CA ALA A 60 9.41 3.01 -8.50
C ALA A 60 8.69 4.22 -7.93
N GLY A 61 9.40 5.09 -7.23
CA GLY A 61 8.75 6.29 -6.71
C GLY A 61 7.54 5.96 -5.84
N LEU A 62 7.60 4.89 -5.06
CA LEU A 62 6.47 4.54 -4.18
C LEU A 62 6.25 5.67 -3.17
N SER A 63 4.99 5.98 -2.93
CA SER A 63 4.58 7.19 -2.19
C SER A 63 3.89 6.85 -0.86
N ILE A 64 3.74 5.57 -0.53
CA ILE A 64 3.10 5.10 0.73
C ILE A 64 3.93 3.97 1.29
N LEU A 65 4.19 4.02 2.57
CA LEU A 65 4.78 2.87 3.30
C LEU A 65 3.77 2.41 4.35
N ARG A 66 3.49 1.12 4.37
CA ARG A 66 2.66 0.49 5.40
C ARG A 66 3.57 -0.29 6.36
N ASN A 67 3.50 0.02 7.63
CA ASN A 67 4.27 -0.65 8.69
C ASN A 67 3.33 -1.48 9.58
N GLY A 68 3.87 -2.55 10.16
CA GLY A 68 3.19 -3.33 11.20
C GLY A 68 3.49 -2.74 12.57
N ILE A 69 2.48 -2.67 13.42
CA ILE A 69 2.64 -2.32 14.85
C ILE A 69 2.83 -3.65 15.59
N GLY A 70 4.06 -3.99 15.88
CA GLY A 70 4.40 -5.33 16.38
C GLY A 70 3.62 -5.72 17.61
N SER A 71 3.20 -6.97 17.68
CA SER A 71 2.33 -7.49 18.77
C SER A 71 3.06 -8.55 19.60
N SER A 72 4.23 -9.02 19.16
CA SER A 72 4.81 -10.26 19.70
C SER A 72 5.75 -9.97 20.88
N PRO A 73 5.99 -10.97 21.74
CA PRO A 73 6.90 -10.81 22.87
C PRO A 73 8.38 -10.72 22.48
N ASP A 74 8.72 -11.16 21.27
CA ASP A 74 10.12 -11.21 20.83
C ASP A 74 10.19 -11.26 19.30
N MET A 75 11.41 -11.35 18.77
CA MET A 75 11.66 -11.46 17.32
C MET A 75 11.98 -12.88 16.87
N SER A 76 11.49 -13.90 17.58
N SER A 76 11.53 -13.91 17.57
CA SER A 76 11.49 -15.30 17.09
CA SER A 76 11.68 -15.30 17.08
C SER A 76 10.96 -15.33 15.66
C SER A 76 10.94 -15.41 15.74
N SER A 77 11.39 -16.31 14.86
CA SER A 77 10.86 -16.51 13.50
C SER A 77 10.90 -15.16 12.76
N ASP A 78 9.79 -14.72 12.18
CA ASP A 78 9.65 -13.42 11.49
C ASP A 78 8.76 -12.49 12.33
N HIS A 79 8.63 -12.75 13.63
CA HIS A 79 7.69 -11.99 14.47
C HIS A 79 8.18 -10.54 14.66
N MET A 80 7.22 -9.64 14.80
CA MET A 80 7.46 -8.22 15.07
C MET A 80 7.31 -8.02 16.56
N VAL A 81 8.40 -7.68 17.26
CA VAL A 81 8.34 -7.44 18.72
C VAL A 81 7.57 -6.14 18.97
N SER A 82 6.72 -6.19 19.98
CA SER A 82 5.89 -5.09 20.49
C SER A 82 6.70 -4.06 21.28
N ILE A 83 6.23 -2.81 21.28
CA ILE A 83 6.78 -1.74 22.17
C ILE A 83 6.46 -2.05 23.65
N ALA A 84 5.47 -2.91 23.92
CA ALA A 84 5.09 -3.27 25.30
C ALA A 84 4.92 -4.78 25.40
N PRO A 85 6.04 -5.55 25.28
CA PRO A 85 5.95 -7.00 25.18
C PRO A 85 5.64 -7.76 26.47
N LYS A 86 5.76 -7.10 27.63
CA LYS A 86 5.50 -7.74 28.94
C LYS A 86 4.24 -7.14 29.53
N SER A 87 3.39 -7.99 30.06
CA SER A 87 2.14 -7.57 30.71
C SER A 87 2.44 -6.68 31.90
N PRO A 88 1.63 -5.62 32.17
CA PRO A 88 1.71 -4.92 33.45
C PRO A 88 0.83 -5.56 34.54
N GLY A 89 0.24 -6.74 34.27
CA GLY A 89 -0.69 -7.45 35.18
C GLY A 89 -2.12 -7.05 34.93
N SER A 90 -2.47 -5.82 35.31
CA SER A 90 -3.84 -5.24 35.23
C SER A 90 -3.87 -4.16 34.17
N PRO A 91 -5.01 -3.95 33.46
CA PRO A 91 -5.15 -2.83 32.52
C PRO A 91 -5.23 -1.47 33.23
N ASN A 92 -5.29 -1.47 34.55
CA ASN A 92 -5.34 -0.20 35.31
C ASN A 92 -3.92 0.30 35.60
N ASN A 93 -2.90 -0.56 35.41
CA ASN A 93 -1.47 -0.23 35.63
C ASN A 93 -0.87 0.40 34.37
N PRO A 94 0.09 1.34 34.48
CA PRO A 94 0.75 1.88 33.29
C PRO A 94 1.27 0.72 32.46
N LEU A 95 1.10 0.84 31.14
CA LEU A 95 1.77 -0.11 30.25
C LEU A 95 3.28 0.02 30.44
N ILE A 96 4.01 -1.07 30.25
CA ILE A 96 5.49 -1.08 30.36
C ILE A 96 6.05 -0.94 28.95
N TYR A 97 6.48 0.26 28.57
CA TYR A 97 7.11 0.47 27.24
C TYR A 97 8.59 0.11 27.32
N SER A 98 9.05 -0.59 26.29
CA SER A 98 10.44 -1.12 26.16
C SER A 98 10.90 -0.82 24.73
N TRP A 99 10.98 0.47 24.37
CA TRP A 99 11.31 0.96 23.01
C TRP A 99 12.74 0.58 22.66
N ASP A 100 12.93 -0.05 21.51
CA ASP A 100 14.27 -0.53 21.09
C ASP A 100 14.88 0.40 20.03
N GLY A 101 14.22 1.49 19.68
CA GLY A 101 14.78 2.47 18.73
C GLY A 101 14.81 1.92 17.30
N SER A 102 14.14 0.81 17.03
CA SER A 102 14.21 0.09 15.73
C SER A 102 12.83 -0.23 15.17
N ASP A 103 11.94 -0.76 16.00
CA ASP A 103 10.60 -1.21 15.53
C ASP A 103 10.77 -2.23 14.40
N ASN A 104 11.54 -3.28 14.66
CA ASN A 104 11.73 -4.37 13.68
C ASN A 104 12.31 -3.82 12.37
N LYS A 105 13.20 -2.83 12.49
CA LYS A 105 13.94 -2.14 11.40
C LYS A 105 13.01 -1.31 10.50
N GLN A 106 11.73 -1.20 10.85
CA GLN A 106 10.79 -0.38 10.06
C GLN A 106 11.05 1.12 10.29
N LEU A 107 11.54 1.52 11.47
CA LEU A 107 11.76 2.96 11.71
C LEU A 107 12.80 3.48 10.72
N TRP A 108 13.87 2.71 10.50
CA TRP A 108 14.93 3.07 9.53
C TRP A 108 14.34 3.20 8.12
N VAL A 109 13.58 2.19 7.68
CA VAL A 109 12.96 2.27 6.34
C VAL A 109 12.10 3.54 6.27
N SER A 110 11.34 3.82 7.32
CA SER A 110 10.43 5.01 7.36
C SER A 110 11.24 6.31 7.30
N GLN A 111 12.31 6.40 8.08
CA GLN A 111 13.16 7.62 8.10
C GLN A 111 13.75 7.84 6.70
N GLU A 112 14.19 6.77 6.05
CA GLU A 112 14.73 6.87 4.69
C GLU A 112 13.60 7.34 3.75
N ALA A 113 12.47 6.67 3.80
CA ALA A 113 11.36 7.03 2.89
C ALA A 113 11.03 8.51 3.03
N VAL A 114 10.83 8.96 4.26
CA VAL A 114 10.41 10.35 4.51
C VAL A 114 11.53 11.36 4.22
N HIS A 115 12.69 11.18 4.84
CA HIS A 115 13.72 12.25 4.87
C HIS A 115 14.62 12.17 3.66
N THR A 116 14.83 10.99 3.10
CA THR A 116 15.70 10.84 1.91
C THR A 116 14.86 10.98 0.64
N TYR A 117 13.65 10.40 0.60
CA TYR A 117 12.88 10.30 -0.66
C TYR A 117 11.60 11.12 -0.69
N GLY A 118 11.25 11.84 0.37
CA GLY A 118 10.10 12.77 0.39
C GLY A 118 8.74 12.09 0.48
N VAL A 119 8.71 10.84 0.95
CA VAL A 119 7.43 10.14 1.21
C VAL A 119 6.70 10.90 2.33
N LYS A 120 5.40 11.10 2.20
CA LYS A 120 4.64 11.86 3.20
C LYS A 120 3.53 11.02 3.82
N THR A 121 3.35 9.78 3.38
CA THR A 121 2.22 8.94 3.84
C THR A 121 2.77 7.69 4.49
N ILE A 122 2.56 7.56 5.80
CA ILE A 122 3.05 6.41 6.60
C ILE A 122 1.83 5.82 7.29
N TYR A 123 1.47 4.59 6.93
CA TYR A 123 0.29 3.90 7.49
C TYR A 123 0.76 2.80 8.44
N ALA A 124 0.49 2.96 9.74
CA ALA A 124 0.90 1.96 10.75
C ALA A 124 -0.35 1.17 11.14
N ASP A 125 -0.28 -0.15 11.01
CA ASP A 125 -1.41 -1.06 11.26
C ASP A 125 -0.98 -2.18 12.19
N ALA A 126 -1.73 -2.39 13.25
CA ALA A 126 -1.58 -3.53 14.16
C ALA A 126 -2.36 -4.75 13.65
N TRP A 127 -1.70 -5.90 13.62
CA TRP A 127 -2.34 -7.17 13.23
C TRP A 127 -2.98 -7.82 14.45
N SER A 128 -2.52 -7.44 15.64
CA SER A 128 -3.10 -7.88 16.92
C SER A 128 -2.71 -6.86 17.99
N ALA A 129 -3.47 -6.82 19.08
CA ALA A 129 -2.99 -6.28 20.36
C ALA A 129 -1.98 -7.26 20.97
N PRO A 130 -1.16 -6.79 21.92
CA PRO A 130 -0.32 -7.71 22.69
C PRO A 130 -1.21 -8.78 23.32
N GLY A 131 -0.64 -9.97 23.49
CA GLY A 131 -1.40 -11.15 23.96
C GLY A 131 -2.15 -10.87 25.25
N TYR A 132 -1.57 -10.12 26.19
CA TYR A 132 -2.12 -9.90 27.55
C TYR A 132 -3.39 -9.02 27.47
N MET A 133 -3.68 -8.46 26.30
CA MET A 133 -4.88 -7.62 26.11
C MET A 133 -6.06 -8.43 25.54
N LYS A 134 -5.87 -9.73 25.26
CA LYS A 134 -6.79 -10.53 24.42
C LYS A 134 -7.39 -11.73 25.17
N THR A 135 -8.53 -12.21 24.68
CA THR A 135 -9.30 -13.31 25.29
C THR A 135 -8.49 -14.61 25.35
N ASN A 136 -7.56 -14.82 24.41
CA ASN A 136 -6.74 -16.04 24.38
C ASN A 136 -5.34 -15.81 24.99
N GLY A 137 -5.01 -14.59 25.43
CA GLY A 137 -3.70 -14.28 26.07
C GLY A 137 -2.51 -14.33 25.12
N ASN A 138 -2.71 -14.40 23.80
CA ASN A 138 -1.64 -14.67 22.81
C ASN A 138 -1.87 -13.73 21.62
N ASP A 139 -0.83 -13.16 21.02
CA ASP A 139 -1.03 -12.25 19.87
C ASP A 139 -1.33 -13.08 18.61
N ALA A 140 -1.06 -14.38 18.62
CA ALA A 140 -1.38 -15.30 17.50
C ALA A 140 -2.71 -16.01 17.77
N ASN A 141 -3.23 -16.72 16.77
CA ASN A 141 -4.36 -17.67 16.92
C ASN A 141 -5.65 -16.91 17.22
N GLY A 142 -5.79 -15.72 16.62
CA GLY A 142 -7.05 -14.96 16.74
C GLY A 142 -7.28 -14.49 18.15
N GLY A 143 -8.48 -14.66 18.66
CA GLY A 143 -8.93 -14.03 19.90
C GLY A 143 -9.28 -12.58 19.71
N THR A 144 -9.86 -11.97 20.73
CA THR A 144 -10.43 -10.61 20.63
C THR A 144 -9.87 -9.73 21.76
N LEU A 145 -9.87 -8.41 21.52
CA LEU A 145 -9.51 -7.39 22.54
C LEU A 145 -10.47 -7.50 23.74
N CYS A 146 -9.91 -7.71 24.93
CA CYS A 146 -10.66 -7.82 26.19
C CYS A 146 -11.44 -6.54 26.48
N GLY A 147 -12.74 -6.65 26.74
CA GLY A 147 -13.58 -5.51 27.15
C GLY A 147 -14.57 -5.08 26.09
N LEU A 148 -14.36 -5.47 24.83
CA LEU A 148 -15.37 -5.24 23.77
C LEU A 148 -16.63 -6.03 24.09
N SER A 149 -17.76 -5.59 23.56
CA SER A 149 -19.05 -6.30 23.74
C SER A 149 -18.87 -7.76 23.30
N GLY A 150 -19.12 -8.75 24.17
CA GLY A 150 -19.00 -10.18 23.85
C GLY A 150 -17.61 -10.76 24.06
N ALA A 151 -16.68 -9.98 24.62
CA ALA A 151 -15.27 -10.39 24.79
C ALA A 151 -14.80 -10.09 26.21
N GLN A 152 -15.44 -10.70 27.22
CA GLN A 152 -15.06 -10.51 28.65
C GLN A 152 -13.77 -11.29 28.90
N CYS A 153 -12.90 -10.77 29.76
CA CYS A 153 -11.64 -11.44 30.20
C CYS A 153 -11.57 -11.38 31.73
N ALA A 154 -11.08 -12.46 32.32
CA ALA A 154 -10.78 -12.50 33.77
C ALA A 154 -9.86 -11.33 34.11
N SER A 155 -8.90 -11.00 33.23
CA SER A 155 -7.87 -9.96 33.49
C SER A 155 -8.44 -8.54 33.40
N GLY A 156 -9.65 -8.38 32.86
CA GLY A 156 -10.41 -7.12 32.85
C GLY A 156 -10.59 -6.52 31.45
N ASP A 157 -10.77 -5.22 31.39
CA ASP A 157 -11.10 -4.42 30.18
C ASP A 157 -9.85 -3.72 29.68
N TRP A 158 -9.32 -4.14 28.53
CA TRP A 158 -8.06 -3.61 27.94
C TRP A 158 -8.34 -2.61 26.80
N ARG A 159 -9.58 -2.15 26.59
CA ARG A 159 -9.87 -1.31 25.40
C ARG A 159 -9.12 0.03 25.47
N GLN A 160 -9.25 0.77 26.58
CA GLN A 160 -8.54 2.07 26.70
C GLN A 160 -7.03 1.82 26.66
N ALA A 161 -6.54 0.75 27.28
CA ALA A 161 -5.09 0.42 27.27
C ALA A 161 -4.60 0.23 25.83
N TYR A 162 -5.38 -0.44 25.00
CA TYR A 162 -4.99 -0.66 23.59
C TYR A 162 -4.97 0.68 22.84
N ALA A 163 -5.93 1.57 23.09
CA ALA A 163 -5.93 2.90 22.45
C ALA A 163 -4.69 3.66 22.92
N ASP A 164 -4.35 3.59 24.21
CA ASP A 164 -3.14 4.29 24.76
C ASP A 164 -1.88 3.75 24.09
N TYR A 165 -1.82 2.45 23.91
CA TYR A 165 -0.66 1.74 23.32
C TYR A 165 -0.45 2.14 21.87
N LEU A 166 -1.54 2.19 21.09
CA LEU A 166 -1.44 2.62 19.68
C LEU A 166 -0.98 4.09 19.60
N THR A 167 -1.52 4.95 20.45
CA THR A 167 -1.15 6.38 20.50
C THR A 167 0.35 6.49 20.84
N LYS A 168 0.83 5.67 21.78
CA LYS A 168 2.25 5.71 22.21
C LYS A 168 3.14 5.25 21.06
N TYR A 169 2.74 4.24 20.31
CA TYR A 169 3.54 3.79 19.16
C TYR A 169 3.73 4.98 18.21
N VAL A 170 2.65 5.70 17.91
CA VAL A 170 2.72 6.88 17.01
C VAL A 170 3.65 7.94 17.63
N GLU A 171 3.56 8.14 18.94
CA GLU A 171 4.41 9.13 19.64
C GLU A 171 5.89 8.72 19.51
N PHE A 172 6.22 7.44 19.65
CA PHE A 172 7.63 7.00 19.50
C PHE A 172 8.13 7.35 18.09
N TYR A 173 7.30 7.13 17.07
CA TYR A 173 7.67 7.53 15.68
C TYR A 173 7.87 9.06 15.62
N GLN A 174 6.94 9.84 16.17
CA GLN A 174 7.03 11.32 16.17
C GLN A 174 8.36 11.75 16.80
N GLU A 175 8.74 11.12 17.91
CA GLU A 175 9.97 11.53 18.65
C GLU A 175 11.21 11.06 17.87
N SER A 176 11.03 10.19 16.88
CA SER A 176 12.09 9.74 15.94
C SER A 176 11.97 10.41 14.58
N ASN A 177 11.25 11.55 14.53
N ASN A 177 11.28 11.56 14.52
CA ASN A 177 11.09 12.49 13.39
CA ASN A 177 11.17 12.45 13.32
C ASN A 177 10.34 11.83 12.22
C ASN A 177 10.38 11.77 12.18
N VAL A 178 9.39 10.93 12.50
CA VAL A 178 8.50 10.38 11.47
C VAL A 178 7.05 10.57 11.89
N THR A 179 6.28 11.20 11.01
CA THR A 179 4.83 11.42 11.24
C THR A 179 4.08 10.22 10.68
N VAL A 180 3.46 9.43 11.55
CA VAL A 180 2.45 8.42 11.12
C VAL A 180 1.17 9.18 10.75
N THR A 181 0.69 9.01 9.53
CA THR A 181 -0.44 9.78 8.97
C THR A 181 -1.75 8.99 9.09
N HIS A 182 -1.67 7.68 9.11
CA HIS A 182 -2.84 6.77 9.13
C HIS A 182 -2.56 5.66 10.14
N LEU A 183 -3.59 5.24 10.88
CA LEU A 183 -3.45 4.30 11.99
C LEU A 183 -4.55 3.25 11.96
N GLY A 184 -4.13 1.99 11.82
CA GLY A 184 -5.04 0.84 11.89
C GLY A 184 -4.79 -0.01 13.12
N PHE A 185 -5.84 -0.67 13.61
CA PHE A 185 -5.81 -1.39 14.91
C PHE A 185 -6.16 -2.87 14.74
N ILE A 186 -6.55 -3.29 13.53
CA ILE A 186 -6.82 -4.70 13.18
C ILE A 186 -6.27 -4.96 11.79
N ASN A 187 -6.11 -6.23 11.48
CA ASN A 187 -5.77 -6.71 10.12
C ASN A 187 -6.50 -8.04 9.95
N ALA A 188 -7.19 -8.21 8.83
CA ALA A 188 -7.92 -9.46 8.54
C ALA A 188 -8.75 -9.87 9.77
N PRO A 189 -9.63 -8.99 10.27
CA PRO A 189 -10.37 -9.27 11.52
C PRO A 189 -11.34 -10.44 11.41
N GLU A 190 -11.56 -10.94 10.18
CA GLU A 190 -12.41 -12.14 9.93
C GLU A 190 -11.58 -13.44 9.95
N LEU A 191 -10.26 -13.38 10.15
CA LEU A 191 -9.35 -14.53 9.95
C LEU A 191 -8.58 -14.79 11.24
N THR A 192 -8.58 -16.06 11.66
CA THR A 192 -7.70 -16.59 12.72
C THR A 192 -6.53 -17.24 12.02
N THR A 193 -5.30 -16.93 12.41
CA THR A 193 -4.12 -17.58 11.80
C THR A 193 -3.13 -17.99 12.89
N SER A 194 -2.09 -18.74 12.49
N SER A 194 -2.08 -18.71 12.49
CA SER A 194 -0.98 -19.20 13.35
CA SER A 194 -0.99 -19.20 13.38
C SER A 194 -0.10 -18.02 13.77
C SER A 194 0.04 -18.09 13.61
N TYR A 195 -0.18 -16.90 13.06
CA TYR A 195 0.68 -15.71 13.29
C TYR A 195 -0.20 -14.60 13.90
N ALA A 196 0.35 -13.39 14.02
CA ALA A 196 -0.35 -12.26 14.63
C ALA A 196 -1.72 -12.08 13.95
N SER A 197 -2.76 -12.17 14.74
CA SER A 197 -4.15 -12.15 14.24
C SER A 197 -5.06 -11.80 15.40
N MET A 198 -6.19 -11.17 15.08
CA MET A 198 -7.14 -10.72 16.13
C MET A 198 -8.51 -10.56 15.45
N ARG A 199 -9.53 -11.14 16.06
CA ARG A 199 -10.88 -11.21 15.50
C ARG A 199 -11.73 -10.09 16.08
N PHE A 200 -12.24 -9.22 15.22
CA PHE A 200 -13.25 -8.20 15.57
C PHE A 200 -14.42 -8.37 14.60
N SER A 201 -15.64 -8.27 15.10
CA SER A 201 -16.80 -7.96 14.25
C SER A 201 -16.77 -6.50 13.80
N ALA A 202 -17.59 -6.17 12.80
CA ALA A 202 -17.74 -4.77 12.38
C ALA A 202 -18.26 -3.91 13.53
N SER A 203 -19.22 -4.44 14.30
N SER A 203 -19.21 -4.41 14.33
CA SER A 203 -19.78 -3.74 15.47
CA SER A 203 -19.75 -3.61 15.45
C SER A 203 -18.67 -3.43 16.49
C SER A 203 -18.68 -3.42 16.53
N GLN A 204 -17.80 -4.41 16.74
CA GLN A 204 -16.66 -4.25 17.68
C GLN A 204 -15.67 -3.21 17.15
N ALA A 205 -15.43 -3.17 15.85
CA ALA A 205 -14.55 -2.15 15.23
C ALA A 205 -15.14 -0.75 15.49
N ALA A 206 -16.44 -0.57 15.34
CA ALA A 206 -17.08 0.74 15.59
C ALA A 206 -16.94 1.07 17.06
N GLU A 207 -17.15 0.10 17.95
CA GLU A 207 -17.03 0.32 19.42
C GLU A 207 -15.62 0.82 19.73
N PHE A 208 -14.61 0.19 19.16
CA PHE A 208 -13.20 0.57 19.43
C PHE A 208 -12.86 1.93 18.82
N ILE A 209 -13.36 2.26 17.63
CA ILE A 209 -13.10 3.59 17.01
C ILE A 209 -13.59 4.70 17.94
N ARG A 210 -14.76 4.52 18.57
N ARG A 210 -14.75 4.53 18.57
CA ARG A 210 -15.33 5.50 19.53
CA ARG A 210 -15.31 5.54 19.51
C ARG A 210 -14.37 5.73 20.70
C ARG A 210 -14.37 5.74 20.70
N ILE A 211 -13.57 4.74 21.06
CA ILE A 211 -12.58 4.84 22.18
C ILE A 211 -11.27 5.44 21.63
N LEU A 212 -10.82 4.94 20.49
CA LEU A 212 -9.51 5.35 19.92
C LEU A 212 -9.56 6.83 19.49
N TYR A 213 -10.62 7.28 18.83
CA TYR A 213 -10.69 8.66 18.28
C TYR A 213 -10.41 9.72 19.36
N PRO A 214 -11.14 9.75 20.49
CA PRO A 214 -10.88 10.77 21.51
C PRO A 214 -9.48 10.59 22.13
N THR A 215 -8.97 9.35 22.18
CA THR A 215 -7.63 9.07 22.74
C THR A 215 -6.59 9.81 21.90
N ILE A 216 -6.72 9.68 20.58
CA ILE A 216 -5.79 10.37 19.64
C ILE A 216 -5.98 11.88 19.81
N GLN A 217 -7.21 12.35 19.81
CA GLN A 217 -7.50 13.81 19.81
C GLN A 217 -6.97 14.45 21.11
N LYS A 218 -7.04 13.73 22.25
CA LYS A 218 -6.61 14.23 23.58
C LYS A 218 -5.09 14.15 23.76
N SER A 219 -4.41 13.40 22.91
CA SER A 219 -2.97 13.09 23.06
C SER A 219 -2.12 14.33 22.81
N ASN A 220 -0.83 14.19 23.08
CA ASN A 220 0.20 15.20 22.75
C ASN A 220 0.73 15.02 21.33
N LEU A 221 0.13 14.18 20.50
CA LEU A 221 0.62 14.03 19.11
C LEU A 221 0.49 15.35 18.37
N THR A 222 1.54 15.74 17.66
CA THR A 222 1.54 16.98 16.84
C THR A 222 0.54 16.85 15.70
N TYR A 223 0.62 15.75 14.94
CA TYR A 223 -0.35 15.42 13.89
C TYR A 223 -1.24 14.28 14.37
N LYS A 224 -2.54 14.48 14.34
CA LYS A 224 -3.50 13.43 14.75
C LYS A 224 -3.70 12.51 13.56
N PRO A 225 -3.24 11.24 13.60
CA PRO A 225 -3.36 10.39 12.42
C PRO A 225 -4.82 10.05 12.15
N THR A 226 -5.13 9.85 10.89
CA THR A 226 -6.46 9.37 10.42
C THR A 226 -6.60 7.90 10.79
N ILE A 227 -7.69 7.54 11.47
CA ILE A 227 -7.98 6.11 11.77
C ILE A 227 -8.47 5.43 10.49
N ALA A 228 -7.97 4.21 10.26
CA ALA A 228 -8.37 3.34 9.13
C ALA A 228 -9.15 2.13 9.66
N CYS A 229 -9.92 1.51 8.77
CA CYS A 229 -10.54 0.20 9.07
C CYS A 229 -10.86 -0.46 7.74
N CYS A 230 -10.79 -1.80 7.62
CA CYS A 230 -10.40 -2.74 8.66
C CYS A 230 -9.39 -3.76 8.14
N ASP A 231 -8.84 -3.53 6.95
CA ASP A 231 -7.86 -4.44 6.36
C ASP A 231 -8.48 -5.84 6.29
N ALA A 232 -9.74 -5.94 5.89
CA ALA A 232 -10.31 -7.25 5.56
C ALA A 232 -9.55 -7.85 4.38
N GLU A 233 -9.66 -9.16 4.21
CA GLU A 233 -8.87 -9.90 3.20
C GLU A 233 -9.40 -9.67 1.77
N GLY A 234 -10.53 -9.01 1.60
CA GLY A 234 -11.03 -8.69 0.26
C GLY A 234 -12.13 -7.65 0.31
N TRP A 235 -12.41 -7.07 -0.84
CA TRP A 235 -13.51 -6.09 -1.02
C TRP A 235 -14.81 -6.65 -0.46
N ASN A 236 -15.15 -7.90 -0.73
CA ASN A 236 -16.50 -8.38 -0.34
C ASN A 236 -16.60 -8.37 1.18
N SER A 237 -15.59 -8.86 1.88
CA SER A 237 -15.61 -8.91 3.36
C SER A 237 -15.62 -7.48 3.91
N GLN A 238 -14.79 -6.57 3.37
CA GLN A 238 -14.76 -5.20 3.92
C GLN A 238 -16.11 -4.51 3.66
N ALA A 239 -16.71 -4.71 2.51
CA ALA A 239 -18.00 -4.06 2.18
C ALA A 239 -19.04 -4.50 3.20
N GLY A 240 -18.96 -5.71 3.69
CA GLY A 240 -19.92 -6.24 4.70
C GLY A 240 -19.82 -5.51 6.02
N MET A 241 -18.68 -4.88 6.30
CA MET A 241 -18.45 -4.19 7.58
C MET A 241 -18.95 -2.74 7.54
N LEU A 242 -19.24 -2.20 6.37
CA LEU A 242 -19.43 -0.72 6.28
C LEU A 242 -20.71 -0.26 6.98
N GLY A 243 -21.75 -1.07 7.02
CA GLY A 243 -22.97 -0.65 7.71
C GLY A 243 -22.73 -0.32 9.17
N ALA A 244 -22.10 -1.22 9.89
CA ALA A 244 -21.83 -0.99 11.33
C ALA A 244 -20.84 0.16 11.52
N LEU A 245 -19.94 0.36 10.57
CA LEU A 245 -18.97 1.47 10.70
C LEU A 245 -19.65 2.82 10.46
N SER A 246 -20.83 2.86 9.85
CA SER A 246 -21.35 4.16 9.36
C SER A 246 -21.66 5.09 10.53
N SER A 247 -21.96 4.58 11.72
CA SER A 247 -22.22 5.48 12.86
C SER A 247 -20.95 6.22 13.31
N VAL A 248 -19.77 5.75 12.93
CA VAL A 248 -18.47 6.36 13.36
C VAL A 248 -17.76 6.91 12.13
N ASN A 249 -18.47 7.21 11.03
CA ASN A 249 -17.82 7.83 9.85
C ASN A 249 -17.17 9.19 10.17
N SER A 250 -17.60 9.89 11.21
N SER A 250 -17.58 9.90 11.21
CA SER A 250 -17.00 11.19 11.62
CA SER A 250 -16.97 11.20 11.58
C SER A 250 -15.66 11.00 12.32
C SER A 250 -15.68 11.01 12.38
N MET A 251 -15.33 9.77 12.72
CA MET A 251 -14.20 9.46 13.63
C MET A 251 -13.12 8.63 12.96
N PHE A 252 -13.33 8.22 11.71
CA PHE A 252 -12.25 7.57 10.94
C PHE A 252 -12.33 8.10 9.52
N GLY A 253 -11.27 7.88 8.74
CA GLY A 253 -11.20 8.59 7.44
C GLY A 253 -10.57 7.80 6.34
N LEU A 254 -10.48 6.48 6.50
CA LEU A 254 -9.85 5.62 5.46
C LEU A 254 -10.45 4.23 5.59
N VAL A 255 -10.89 3.67 4.46
CA VAL A 255 -11.29 2.25 4.37
C VAL A 255 -10.16 1.49 3.68
N THR A 256 -9.80 0.36 4.24
CA THR A 256 -8.71 -0.51 3.74
C THR A 256 -9.21 -1.94 3.56
N ALA A 257 -8.69 -2.58 2.53
CA ALA A 257 -8.94 -4.01 2.26
C ALA A 257 -7.86 -4.55 1.35
N HIS A 258 -7.74 -5.86 1.36
CA HIS A 258 -6.72 -6.57 0.58
C HIS A 258 -7.37 -7.17 -0.67
N ALA A 259 -6.60 -7.95 -1.42
CA ALA A 259 -7.08 -8.62 -2.65
C ALA A 259 -6.79 -10.12 -2.58
N TYR A 260 -7.18 -10.76 -1.49
CA TYR A 260 -6.95 -12.20 -1.30
C TYR A 260 -8.26 -12.98 -1.43
N THR A 261 -9.23 -12.74 -0.59
CA THR A 261 -10.47 -13.56 -0.58
C THR A 261 -11.47 -13.08 -1.63
N SER A 262 -11.31 -11.88 -2.16
CA SER A 262 -12.07 -11.41 -3.32
C SER A 262 -11.27 -10.27 -3.95
N GLN A 263 -11.66 -9.88 -5.15
CA GLN A 263 -10.91 -8.91 -5.94
C GLN A 263 -11.58 -7.54 -5.91
N PRO A 264 -10.78 -6.46 -6.04
CA PRO A 264 -11.30 -5.11 -5.91
C PRO A 264 -11.99 -4.68 -7.22
N GLY A 265 -13.20 -5.18 -7.42
CA GLY A 265 -13.89 -5.10 -8.72
C GLY A 265 -15.18 -4.27 -8.74
N PHE A 266 -15.52 -3.61 -7.63
CA PHE A 266 -16.70 -2.74 -7.53
C PHE A 266 -16.38 -1.57 -6.58
N SER A 267 -17.17 -0.52 -6.64
CA SER A 267 -17.01 0.65 -5.75
C SER A 267 -17.75 0.39 -4.43
N MET A 268 -17.03 0.42 -3.32
CA MET A 268 -17.65 0.26 -1.99
C MET A 268 -18.46 1.51 -1.63
N ASN A 269 -19.51 1.32 -0.85
CA ASN A 269 -20.44 2.38 -0.42
C ASN A 269 -19.92 2.96 0.90
N THR A 270 -18.99 3.89 0.81
CA THR A 270 -18.40 4.61 1.96
C THR A 270 -18.08 6.02 1.50
N PRO A 271 -18.13 7.01 2.40
CA PRO A 271 -17.69 8.35 2.04
C PRO A 271 -16.16 8.48 1.96
N HIS A 272 -15.44 7.50 2.51
CA HIS A 272 -13.97 7.62 2.70
C HIS A 272 -13.24 7.19 1.45
N PRO A 273 -11.99 7.66 1.28
CA PRO A 273 -11.10 7.01 0.34
C PRO A 273 -10.93 5.55 0.76
N VAL A 274 -10.75 4.73 -0.26
CA VAL A 274 -10.53 3.27 -0.12
C VAL A 274 -9.14 2.91 -0.62
N TRP A 275 -8.35 2.18 0.18
CA TRP A 275 -7.02 1.72 -0.25
C TRP A 275 -7.04 0.21 -0.33
N MET A 276 -6.44 -0.30 -1.38
CA MET A 276 -6.10 -1.73 -1.50
C MET A 276 -4.72 -1.89 -0.86
N THR A 277 -4.68 -2.39 0.37
CA THR A 277 -3.47 -2.30 1.22
C THR A 277 -2.59 -3.55 1.20
N ALA A 278 -2.97 -4.62 0.49
CA ALA A 278 -2.08 -5.80 0.33
C ALA A 278 -2.62 -6.72 -0.74
N ALA A 279 -1.76 -7.04 -1.70
CA ALA A 279 -1.99 -8.06 -2.74
C ALA A 279 -0.64 -8.64 -3.09
N ALA A 280 -0.64 -9.88 -3.53
CA ALA A 280 0.59 -10.54 -3.98
C ALA A 280 0.22 -11.89 -4.60
N ASP A 281 1.15 -12.43 -5.36
CA ASP A 281 1.13 -13.86 -5.77
C ASP A 281 1.79 -14.68 -4.65
N LEU A 282 1.06 -14.97 -3.58
CA LEU A 282 1.72 -15.50 -2.35
C LEU A 282 2.23 -16.92 -2.60
N GLN A 283 1.57 -17.67 -3.50
CA GLN A 283 1.80 -19.13 -3.65
C GLN A 283 2.91 -19.38 -4.68
N GLY A 284 3.15 -18.45 -5.62
CA GLY A 284 3.98 -18.69 -6.80
C GLY A 284 5.47 -18.65 -6.50
N ALA A 285 6.22 -19.53 -7.13
CA ALA A 285 7.69 -19.49 -7.12
C ALA A 285 8.15 -18.20 -7.83
N TRP A 286 9.29 -17.67 -7.40
CA TRP A 286 9.82 -16.37 -7.86
C TRP A 286 9.80 -16.32 -9.39
N THR A 287 9.18 -15.32 -9.98
N THR A 287 9.21 -15.23 -9.89
CA THR A 287 9.40 -14.96 -11.40
CA THR A 287 9.07 -14.79 -11.31
C THR A 287 9.76 -13.49 -11.43
C THR A 287 9.72 -13.41 -11.41
N SER A 288 10.51 -13.11 -12.43
CA SER A 288 11.03 -11.73 -12.58
C SER A 288 10.46 -11.10 -13.85
N ALA A 289 9.83 -11.87 -14.73
CA ALA A 289 9.51 -11.43 -16.10
C ALA A 289 8.34 -10.44 -16.10
N TRP A 290 8.35 -9.57 -17.09
CA TRP A 290 7.20 -8.69 -17.39
C TRP A 290 6.05 -9.46 -18.04
N TYR A 291 6.30 -10.12 -19.16
CA TYR A 291 5.22 -10.83 -19.88
C TYR A 291 5.75 -12.10 -20.50
N SER A 292 5.04 -13.17 -20.25
CA SER A 292 5.23 -14.43 -21.01
C SER A 292 3.88 -14.98 -21.43
N TYR A 293 2.96 -15.24 -20.49
N TYR A 293 2.97 -15.22 -20.48
CA TYR A 293 1.60 -15.73 -20.83
CA TYR A 293 1.64 -15.80 -20.78
C TYR A 293 0.54 -15.21 -19.87
C TYR A 293 0.52 -15.13 -19.98
N GLY A 294 0.82 -14.14 -19.13
CA GLY A 294 -0.20 -13.59 -18.21
C GLY A 294 -0.30 -14.37 -16.91
N GLY A 295 0.77 -15.08 -16.54
CA GLY A 295 0.83 -15.80 -15.25
C GLY A 295 0.72 -14.88 -14.06
N ALA A 296 0.39 -15.47 -12.92
CA ALA A 296 -0.01 -14.73 -11.71
C ALA A 296 1.12 -13.87 -11.18
N GLY A 297 2.38 -14.16 -11.50
CA GLY A 297 3.52 -13.40 -10.96
C GLY A 297 4.10 -12.39 -11.94
N GLU A 298 3.59 -12.34 -13.18
CA GLU A 298 4.19 -11.52 -14.24
C GLU A 298 3.93 -10.03 -13.98
N GLY A 299 4.92 -9.20 -14.31
CA GLY A 299 4.73 -7.75 -14.14
C GLY A 299 3.50 -7.24 -14.87
N TRP A 300 3.26 -7.71 -16.10
CA TRP A 300 2.09 -7.38 -16.94
C TRP A 300 0.81 -7.62 -16.14
N THR A 301 0.71 -8.78 -15.51
CA THR A 301 -0.48 -9.15 -14.72
C THR A 301 -0.70 -8.11 -13.62
N TRP A 302 0.37 -7.75 -12.92
CA TRP A 302 0.27 -6.78 -11.81
C TRP A 302 -0.06 -5.38 -12.33
N ALA A 303 0.43 -4.98 -13.47
CA ALA A 303 0.03 -3.66 -14.03
C ALA A 303 -1.48 -3.63 -14.24
N ASN A 304 -2.03 -4.74 -14.72
CA ASN A 304 -3.48 -4.88 -14.98
C ASN A 304 -4.23 -5.02 -13.66
N ASN A 305 -3.67 -5.67 -12.65
CA ASN A 305 -4.33 -5.75 -11.32
C ASN A 305 -4.49 -4.34 -10.74
N VAL A 306 -3.46 -3.50 -10.87
CA VAL A 306 -3.56 -2.10 -10.38
C VAL A 306 -4.66 -1.38 -11.17
N TYR A 307 -4.65 -1.52 -12.49
CA TYR A 307 -5.69 -0.91 -13.36
C TYR A 307 -7.07 -1.29 -12.83
N ASN A 308 -7.30 -2.59 -12.59
CA ASN A 308 -8.64 -3.07 -12.19
C ASN A 308 -9.05 -2.45 -10.85
N ALA A 309 -8.14 -2.41 -9.89
CA ALA A 309 -8.41 -1.89 -8.54
C ALA A 309 -8.83 -0.41 -8.62
N ILE A 310 -8.13 0.37 -9.45
CA ILE A 310 -8.41 1.82 -9.59
C ILE A 310 -9.69 2.04 -10.39
N VAL A 311 -9.80 1.44 -11.55
CA VAL A 311 -10.91 1.75 -12.50
C VAL A 311 -12.20 1.05 -12.08
N ASN A 312 -12.11 -0.21 -11.67
CA ASN A 312 -13.29 -1.00 -11.31
C ASN A 312 -13.55 -0.97 -9.78
N GLY A 313 -12.50 -0.98 -8.97
CA GLY A 313 -12.64 -1.04 -7.50
C GLY A 313 -12.68 0.33 -6.84
N ASN A 314 -12.52 1.41 -7.61
CA ASN A 314 -12.53 2.79 -7.07
C ASN A 314 -11.48 2.97 -5.99
N ALA A 315 -10.35 2.30 -6.08
CA ALA A 315 -9.25 2.42 -5.11
C ALA A 315 -8.54 3.76 -5.28
N SER A 316 -8.20 4.41 -4.16
CA SER A 316 -7.33 5.60 -4.13
C SER A 316 -5.87 5.25 -3.89
N ALA A 317 -5.56 4.01 -3.52
CA ALA A 317 -4.17 3.61 -3.36
C ALA A 317 -4.07 2.11 -3.59
N TYR A 318 -2.86 1.68 -3.93
CA TYR A 318 -2.57 0.26 -4.21
C TYR A 318 -1.22 -0.08 -3.59
N LEU A 319 -1.22 -1.05 -2.67
N LEU A 319 -1.22 -1.02 -2.65
CA LEU A 319 0.02 -1.50 -2.01
CA LEU A 319 0.03 -1.49 -1.98
C LEU A 319 0.23 -2.99 -2.30
C LEU A 319 0.24 -2.97 -2.28
N TYR A 320 1.37 -3.32 -2.89
CA TYR A 320 1.81 -4.73 -2.98
C TYR A 320 2.15 -5.14 -1.55
N TRP A 321 2.03 -6.43 -1.22
CA TRP A 321 2.28 -6.92 0.16
C TRP A 321 3.66 -6.48 0.67
N ILE A 322 4.73 -6.97 0.05
CA ILE A 322 6.10 -6.72 0.54
C ILE A 322 6.94 -6.14 -0.61
N GLY A 323 7.83 -5.24 -0.26
CA GLY A 323 8.78 -4.63 -1.20
C GLY A 323 9.93 -5.56 -1.48
N ALA A 324 10.94 -5.48 -0.62
CA ALA A 324 12.14 -6.33 -0.70
C ALA A 324 12.13 -7.35 0.40
N GLN A 325 12.53 -8.58 0.04
N GLN A 325 12.50 -8.59 0.05
CA GLN A 325 12.76 -9.69 1.00
CA GLN A 325 12.76 -9.69 1.00
C GLN A 325 13.58 -10.79 0.32
C GLN A 325 13.61 -10.76 0.31
N THR A 326 14.14 -11.67 1.13
CA THR A 326 14.86 -12.86 0.65
C THR A 326 13.83 -13.90 0.19
N GLY A 327 14.29 -14.91 -0.54
CA GLY A 327 13.46 -16.09 -0.83
C GLY A 327 12.90 -16.10 -2.23
N ASN A 328 12.44 -17.28 -2.65
CA ASN A 328 12.03 -17.58 -4.04
C ASN A 328 10.49 -17.72 -4.09
N THR A 329 9.75 -16.79 -3.49
CA THR A 329 8.29 -16.65 -3.73
C THR A 329 7.99 -15.27 -4.33
N ASN A 330 6.81 -15.10 -4.88
CA ASN A 330 6.33 -13.83 -5.45
C ASN A 330 5.54 -13.04 -4.41
N SER A 331 5.81 -13.25 -3.13
CA SER A 331 5.17 -12.46 -2.05
C SER A 331 5.69 -11.03 -2.05
N HIS A 332 6.76 -10.76 -2.80
CA HIS A 332 7.50 -9.48 -2.80
C HIS A 332 7.77 -9.00 -4.22
N MET A 333 8.25 -7.77 -4.33
CA MET A 333 8.57 -7.16 -5.63
C MET A 333 10.06 -7.20 -5.94
N VAL A 334 10.91 -7.25 -4.93
CA VAL A 334 12.37 -7.06 -5.09
C VAL A 334 13.09 -8.18 -4.33
N HIS A 335 13.90 -8.95 -5.04
CA HIS A 335 14.58 -10.14 -4.47
C HIS A 335 15.87 -9.68 -3.80
N ILE A 336 16.05 -10.07 -2.54
CA ILE A 336 17.33 -9.93 -1.81
C ILE A 336 18.03 -11.28 -1.88
N ASP A 337 19.26 -11.30 -2.33
CA ASP A 337 20.13 -12.51 -2.25
C ASP A 337 21.15 -12.20 -1.15
N ALA A 338 20.93 -12.74 0.05
CA ALA A 338 21.78 -12.44 1.24
C ALA A 338 23.21 -12.94 1.00
N ASN A 339 23.35 -14.13 0.38
N ASN A 339 23.38 -14.05 0.28
CA ASN A 339 24.63 -14.78 -0.08
CA ASN A 339 24.72 -14.69 0.10
C ASN A 339 25.46 -13.72 -0.80
C ASN A 339 25.52 -13.94 -0.97
N ALA A 340 24.88 -13.20 -1.88
CA ALA A 340 25.57 -12.33 -2.87
C ALA A 340 25.61 -10.88 -2.35
N GLY A 341 24.70 -10.51 -1.45
CA GLY A 341 24.55 -9.12 -1.00
C GLY A 341 23.87 -8.26 -2.06
N THR A 342 23.02 -8.85 -2.88
CA THR A 342 22.43 -8.18 -4.07
C THR A 342 20.91 -8.02 -3.95
N VAL A 343 20.45 -7.07 -4.72
CA VAL A 343 19.04 -6.63 -4.78
C VAL A 343 18.64 -6.66 -6.25
N GLU A 344 17.61 -7.42 -6.63
CA GLU A 344 17.16 -7.51 -8.02
C GLU A 344 15.65 -7.33 -8.08
N PRO A 345 15.18 -6.18 -8.60
CA PRO A 345 13.75 -5.97 -8.78
C PRO A 345 13.19 -6.94 -9.82
N SER A 346 12.02 -7.47 -9.51
CA SER A 346 11.15 -8.12 -10.51
C SER A 346 10.47 -7.03 -11.34
N LYS A 347 9.84 -7.45 -12.41
CA LYS A 347 8.99 -6.55 -13.21
C LYS A 347 7.68 -6.22 -12.49
N ARG A 348 7.35 -6.88 -11.38
CA ARG A 348 6.24 -6.42 -10.52
C ARG A 348 6.61 -5.09 -9.86
N LEU A 349 7.85 -4.89 -9.44
CA LEU A 349 8.28 -3.55 -8.93
C LEU A 349 8.04 -2.51 -10.01
N TRP A 350 8.52 -2.77 -11.21
CA TRP A 350 8.44 -1.78 -12.30
C TRP A 350 6.98 -1.56 -12.71
N ALA A 351 6.12 -2.58 -12.63
CA ALA A 351 4.69 -2.40 -12.89
C ALA A 351 4.12 -1.35 -11.93
N LEU A 352 4.40 -1.49 -10.65
CA LEU A 352 3.85 -0.56 -9.65
C LEU A 352 4.49 0.81 -9.86
N GLY A 353 5.77 0.85 -10.19
CA GLY A 353 6.44 2.14 -10.43
C GLY A 353 5.99 2.84 -11.70
N GLN A 354 5.63 2.10 -12.73
CA GLN A 354 5.07 2.67 -13.98
C GLN A 354 3.77 3.43 -13.69
N TRP A 355 3.04 3.02 -12.66
CA TRP A 355 1.95 3.83 -12.09
C TRP A 355 2.50 4.97 -11.23
N SER A 356 3.23 4.64 -10.19
CA SER A 356 3.54 5.57 -9.08
C SER A 356 4.44 6.73 -9.51
N ARG A 357 5.34 6.51 -10.44
CA ARG A 357 6.26 7.59 -10.87
C ARG A 357 5.48 8.76 -11.45
N PHE A 358 4.32 8.51 -12.08
CA PHE A 358 3.65 9.53 -12.90
C PHE A 358 2.30 9.93 -12.31
N VAL A 359 1.72 9.10 -11.46
CA VAL A 359 0.42 9.37 -10.81
C VAL A 359 0.75 9.64 -9.36
N ARG A 360 1.04 10.90 -9.06
CA ARG A 360 1.55 11.32 -7.75
C ARG A 360 0.39 11.52 -6.80
N PRO A 361 0.68 11.49 -5.48
CA PRO A 361 -0.35 11.82 -4.50
C PRO A 361 -1.12 13.10 -4.85
N GLY A 362 -2.43 13.03 -4.68
CA GLY A 362 -3.34 14.14 -4.95
C GLY A 362 -3.84 14.18 -6.37
N ALA A 363 -3.41 13.28 -7.23
CA ALA A 363 -3.95 13.22 -8.60
C ALA A 363 -5.44 12.91 -8.55
N ARG A 364 -6.16 13.42 -9.53
CA ARG A 364 -7.60 13.14 -9.70
C ARG A 364 -7.74 12.32 -10.97
N ARG A 365 -8.36 11.14 -10.85
CA ARG A 365 -8.64 10.32 -12.06
C ARG A 365 -9.66 11.08 -12.90
N VAL A 366 -9.45 11.09 -14.20
CA VAL A 366 -10.34 11.76 -15.18
C VAL A 366 -10.63 10.82 -16.35
N ALA A 367 -11.64 11.13 -17.15
CA ALA A 367 -12.10 10.26 -18.25
C ALA A 367 -11.12 10.37 -19.40
N VAL A 368 -10.95 9.27 -20.13
CA VAL A 368 -10.21 9.24 -21.41
C VAL A 368 -10.92 8.26 -22.33
N SER A 369 -11.06 8.62 -23.59
CA SER A 369 -11.83 7.85 -24.60
C SER A 369 -10.93 7.57 -25.79
N GLY A 370 -11.22 6.50 -26.52
CA GLY A 370 -10.41 6.03 -27.66
C GLY A 370 -9.92 4.60 -27.51
N ALA A 371 -9.95 4.02 -26.31
CA ALA A 371 -9.48 2.63 -25.98
C ALA A 371 -10.25 1.58 -26.78
N SER A 372 -9.83 0.32 -26.70
CA SER A 372 -10.23 -0.73 -27.65
C SER A 372 -10.13 -2.12 -27.01
N GLY A 373 -10.27 -3.13 -27.85
CA GLY A 373 -9.84 -4.49 -27.56
C GLY A 373 -8.43 -4.49 -26.99
N SER A 374 -7.46 -3.96 -27.75
N SER A 374 -7.44 -3.99 -27.72
CA SER A 374 -6.02 -4.14 -27.52
CA SER A 374 -6.01 -4.21 -27.38
C SER A 374 -5.48 -3.11 -26.50
C SER A 374 -5.44 -3.09 -26.49
N LEU A 375 -6.14 -1.97 -26.33
CA LEU A 375 -5.66 -0.90 -25.41
C LEU A 375 -6.63 -0.73 -24.25
N ARG A 376 -6.10 -0.73 -23.03
CA ARG A 376 -6.85 -0.26 -21.85
C ARG A 376 -6.20 1.02 -21.37
N THR A 377 -7.01 2.02 -21.09
CA THR A 377 -6.52 3.37 -20.81
C THR A 377 -7.16 3.92 -19.54
N ALA A 378 -6.42 4.79 -18.89
CA ALA A 378 -6.90 5.57 -17.75
C ALA A 378 -6.10 6.86 -17.72
N ALA A 379 -6.64 7.89 -17.09
CA ALA A 379 -5.97 9.19 -17.08
C ALA A 379 -6.09 9.84 -15.72
N PHE A 380 -5.08 10.64 -15.41
CA PHE A 380 -4.93 11.26 -14.08
C PHE A 380 -4.39 12.68 -14.22
N ARG A 381 -5.05 13.60 -13.53
CA ARG A 381 -4.64 15.02 -13.49
C ARG A 381 -3.92 15.26 -12.17
N ASN A 382 -2.61 15.45 -12.23
CA ASN A 382 -1.76 15.67 -11.04
C ASN A 382 -1.99 17.05 -10.47
N GLU A 383 -1.60 17.22 -9.22
CA GLU A 383 -1.73 18.56 -8.56
C GLU A 383 -0.96 19.61 -9.37
N ASP A 384 0.14 19.24 -10.02
CA ASP A 384 1.02 20.19 -10.76
C ASP A 384 0.47 20.47 -12.17
N GLY A 385 -0.68 19.89 -12.51
CA GLY A 385 -1.38 20.10 -13.79
C GLY A 385 -0.95 19.10 -14.86
N SER A 386 0.09 18.31 -14.61
CA SER A 386 0.49 17.28 -15.58
C SER A 386 -0.64 16.24 -15.70
N VAL A 387 -0.84 15.71 -16.89
CA VAL A 387 -1.89 14.70 -17.15
C VAL A 387 -1.18 13.42 -17.56
N ALA A 388 -1.28 12.41 -16.71
CA ALA A 388 -0.65 11.10 -16.99
C ALA A 388 -1.71 10.19 -17.60
N VAL A 389 -1.45 9.72 -18.81
CA VAL A 389 -2.35 8.80 -19.53
C VAL A 389 -1.68 7.43 -19.59
N VAL A 390 -2.31 6.48 -18.92
CA VAL A 390 -1.85 5.07 -18.86
C VAL A 390 -2.42 4.35 -20.07
N VAL A 391 -1.54 3.64 -20.78
CA VAL A 391 -1.92 2.77 -21.94
C VAL A 391 -1.32 1.39 -21.70
N ILE A 392 -2.21 0.42 -21.48
CA ILE A 392 -1.77 -1.00 -21.37
C ILE A 392 -2.12 -1.67 -22.69
N ASN A 393 -1.10 -2.12 -23.39
CA ASN A 393 -1.22 -2.57 -24.81
C ASN A 393 -1.00 -4.07 -24.89
N SER A 394 -2.05 -4.85 -25.14
N SER A 394 -2.07 -4.83 -25.13
CA SER A 394 -1.97 -6.33 -25.31
CA SER A 394 -2.03 -6.31 -25.33
C SER A 394 -1.76 -6.71 -26.78
C SER A 394 -1.53 -6.67 -26.73
N GLY A 395 -1.63 -5.74 -27.68
CA GLY A 395 -1.36 -6.01 -29.09
C GLY A 395 0.09 -5.74 -29.48
N GLY A 396 0.34 -5.65 -30.78
CA GLY A 396 1.64 -5.25 -31.33
C GLY A 396 1.91 -3.79 -31.06
N ASP A 397 3.08 -3.31 -31.46
CA ASP A 397 3.38 -1.85 -31.33
C ASP A 397 2.18 -1.07 -31.90
N ALA A 398 1.76 -0.02 -31.21
CA ALA A 398 0.55 0.76 -31.54
C ALA A 398 0.89 2.24 -31.62
N ALA A 399 0.67 2.83 -32.79
CA ALA A 399 0.74 4.30 -32.99
C ALA A 399 -0.43 4.96 -32.25
N VAL A 400 -0.14 5.83 -31.30
CA VAL A 400 -1.19 6.45 -30.46
C VAL A 400 -0.94 7.95 -30.39
N ASN A 401 -2.00 8.72 -30.52
CA ASN A 401 -1.96 10.18 -30.26
C ASN A 401 -2.67 10.40 -28.93
N VAL A 402 -2.14 11.30 -28.12
CA VAL A 402 -2.75 11.63 -26.81
C VAL A 402 -2.95 13.14 -26.75
N ARG A 403 -4.17 13.55 -26.40
CA ARG A 403 -4.51 14.98 -26.35
C ARG A 403 -5.57 15.22 -25.28
N LEU A 404 -5.72 16.47 -24.90
CA LEU A 404 -6.87 16.96 -24.10
C LEU A 404 -8.00 17.34 -25.04
N ALA A 405 -9.24 17.17 -24.60
CA ALA A 405 -10.45 17.72 -25.26
C ALA A 405 -10.51 19.23 -25.02
N PRO A 414 -1.77 21.63 -23.57
CA PRO A 414 -0.45 21.37 -23.00
C PRO A 414 0.68 21.90 -23.89
N ALA A 415 1.87 22.07 -23.32
CA ALA A 415 3.03 22.73 -23.97
C ALA A 415 4.11 21.71 -24.32
N SER A 416 4.08 20.54 -23.74
CA SER A 416 5.10 19.51 -24.00
C SER A 416 4.60 18.15 -23.51
N ALA A 417 5.32 17.10 -23.88
CA ALA A 417 4.99 15.72 -23.49
C ALA A 417 6.24 14.87 -23.35
N LYS A 418 6.16 13.87 -22.48
CA LYS A 418 7.18 12.80 -22.36
C LYS A 418 6.42 11.50 -22.22
N ALA A 419 7.09 10.38 -22.44
CA ALA A 419 6.45 9.07 -22.25
C ALA A 419 7.51 8.09 -21.76
N TRP A 420 7.04 7.12 -20.99
CA TRP A 420 7.89 6.04 -20.45
C TRP A 420 7.15 4.75 -20.64
N ALA A 421 7.86 3.65 -20.84
CA ALA A 421 7.25 2.32 -20.95
C ALA A 421 8.00 1.30 -20.09
N THR A 422 7.24 0.30 -19.67
CA THR A 422 7.76 -0.93 -19.06
C THR A 422 7.28 -2.10 -19.91
N ASP A 423 8.22 -2.96 -20.27
CA ASP A 423 7.90 -4.18 -21.03
C ASP A 423 9.01 -5.18 -20.76
N ASN A 424 9.13 -6.18 -21.60
CA ASN A 424 10.16 -7.21 -21.36
C ASN A 424 11.57 -6.62 -21.44
N SER A 425 11.78 -5.55 -22.18
CA SER A 425 13.13 -4.97 -22.43
C SER A 425 13.34 -3.66 -21.67
N ARG A 426 12.31 -3.08 -21.06
CA ARG A 426 12.35 -1.70 -20.49
C ARG A 426 11.85 -1.71 -19.04
N ALA A 427 12.53 -0.99 -18.16
CA ALA A 427 12.05 -0.72 -16.78
C ALA A 427 11.82 0.79 -16.64
N ILE A 428 10.57 1.24 -16.82
CA ILE A 428 10.20 2.68 -16.79
C ILE A 428 11.25 3.47 -17.60
N GLU A 429 11.39 3.11 -18.86
CA GLU A 429 12.38 3.73 -19.76
C GLU A 429 11.69 4.75 -20.65
N GLU A 430 12.30 5.91 -20.82
CA GLU A 430 11.73 6.96 -21.68
C GLU A 430 11.67 6.46 -23.12
N ILE A 431 10.56 6.75 -23.79
CA ILE A 431 10.39 6.51 -25.24
C ILE A 431 10.04 7.85 -25.85
N GLN A 432 10.12 7.95 -27.16
CA GLN A 432 9.88 9.23 -27.87
C GLN A 432 8.43 9.63 -27.66
N ALA A 433 8.19 10.89 -27.33
CA ALA A 433 6.84 11.49 -27.32
C ALA A 433 6.90 12.72 -28.21
N SER A 434 6.55 12.53 -29.48
CA SER A 434 6.67 13.60 -30.50
C SER A 434 5.46 14.52 -30.33
N PHE A 435 5.71 15.78 -30.14
CA PHE A 435 4.68 16.73 -29.67
C PHE A 435 4.50 17.86 -30.65
N ALA A 436 3.25 18.12 -31.06
CA ALA A 436 2.90 19.21 -31.97
C ALA A 436 1.51 19.75 -31.61
N ASP A 437 1.41 21.06 -31.32
CA ASP A 437 0.12 21.79 -31.18
C ASP A 437 -0.78 21.01 -30.22
N GLY A 438 -0.26 20.67 -29.05
CA GLY A 438 -1.05 20.07 -27.96
C GLY A 438 -1.21 18.56 -28.06
N VAL A 439 -0.68 17.88 -29.08
CA VAL A 439 -0.92 16.42 -29.28
C VAL A 439 0.42 15.69 -29.18
N ALA A 440 0.48 14.69 -28.30
CA ALA A 440 1.64 13.77 -28.18
C ALA A 440 1.41 12.55 -29.06
N THR A 441 2.41 12.20 -29.85
CA THR A 441 2.37 10.98 -30.67
C THR A 441 3.48 10.04 -30.18
N VAL A 442 3.09 8.81 -29.83
N VAL A 442 3.10 8.80 -29.87
CA VAL A 442 4.02 7.77 -29.30
CA VAL A 442 3.95 7.77 -29.23
C VAL A 442 3.78 6.48 -30.06
C VAL A 442 3.74 6.45 -29.96
N ASN A 443 4.78 5.63 -30.04
CA ASN A 443 4.68 4.23 -30.48
C ASN A 443 4.66 3.39 -29.21
N VAL A 444 3.46 3.05 -28.77
CA VAL A 444 3.28 2.24 -27.54
C VAL A 444 3.79 0.84 -27.80
N PRO A 445 4.86 0.39 -27.11
CA PRO A 445 5.40 -0.92 -27.44
C PRO A 445 4.41 -2.06 -27.20
N SER A 446 4.57 -3.11 -27.98
N SER A 446 4.55 -3.11 -27.99
CA SER A 446 3.81 -4.38 -27.82
CA SER A 446 3.77 -4.36 -27.82
C SER A 446 3.89 -4.89 -26.38
C SER A 446 3.87 -4.86 -26.37
N ARG A 447 2.76 -5.33 -25.83
CA ARG A 447 2.72 -5.98 -24.51
C ARG A 447 3.44 -5.10 -23.49
N SER A 448 3.11 -3.81 -23.48
CA SER A 448 3.72 -2.84 -22.54
C SER A 448 2.66 -2.14 -21.73
N MET A 449 3.12 -1.54 -20.62
CA MET A 449 2.39 -0.44 -20.00
C MET A 449 3.19 0.82 -20.28
N THR A 450 2.56 1.76 -20.98
CA THR A 450 3.15 3.06 -21.34
C THR A 450 2.39 4.13 -20.56
N THR A 451 3.11 5.13 -20.07
CA THR A 451 2.49 6.34 -19.53
C THR A 451 2.96 7.52 -20.36
N VAL A 452 1.98 8.23 -20.92
CA VAL A 452 2.21 9.46 -21.69
C VAL A 452 1.83 10.62 -20.76
N VAL A 453 2.75 11.54 -20.56
CA VAL A 453 2.50 12.69 -19.65
C VAL A 453 2.46 13.97 -20.48
N LEU A 454 1.32 14.68 -20.43
CA LEU A 454 1.11 16.00 -21.07
C LEU A 454 1.35 17.06 -20.00
N TYR A 455 2.28 17.96 -20.26
CA TYR A 455 2.66 19.02 -19.31
C TYR A 455 2.00 20.33 -19.71
N PRO A 456 1.55 21.14 -18.73
CA PRO A 456 0.96 22.44 -19.02
C PRO A 456 2.06 23.44 -19.40
N ALA A 457 1.67 24.59 -19.97
CA ALA A 457 2.58 25.71 -20.33
C ALA A 457 3.45 26.10 -19.12
#